data_2XQH
#
_entry.id   2XQH
#
_cell.length_a   48.950
_cell.length_b   48.950
_cell.length_c   409.600
_cell.angle_alpha   90.00
_cell.angle_beta   90.00
_cell.angle_gamma   120.00
#
_symmetry.space_group_name_H-M   'H 3'
#
loop_
_entity.id
_entity.type
_entity.pdbx_description
1 polymer 'IMMUNOGLOBULIN-BINDING PROTEIN EIBD'
2 non-polymer 'CHLORIDE ION'
3 water water
#
_entity_poly.entity_id   1
_entity_poly.type   'polypeptide(L)'
_entity_poly.pdbx_seq_one_letter_code
;MGSSHHHHHHSSGLVPRGSHMASDAKASGEFSVAVGNGARATEKASTAVGSWAAADGKQSTALGVGTYAYANASTALGSV
AFVDNTATYGTAAGNRAKVDKDATEGTALGAKATVTNKNSVALGANSVTTRDNEVYIGYKTGTESDKTYGTRVLGGLSDG
TRNSDAATVGQLNRKVGGVYDDVKARITVESEKQKKYTDQKTSEVNEKVEARTTVGVDSDGKLTRAEGATKTIAVNDGLV
ALSGRTDRIDYAVGAIDGRVTRNTQSIEKNSKAIAANTRTL
;
_entity_poly.pdbx_strand_id   A
#
loop_
_chem_comp.id
_chem_comp.type
_chem_comp.name
_chem_comp.formula
CL non-polymer 'CHLORIDE ION' 'Cl -1'
#
# COMPACT_ATOMS: atom_id res chain seq x y z
N SER A 23 -46.32 20.71 44.80
CA SER A 23 -46.11 22.13 45.07
C SER A 23 -46.66 23.00 43.93
N ASP A 24 -46.10 22.79 42.74
CA ASP A 24 -46.46 23.53 41.53
C ASP A 24 -47.78 22.94 40.98
N ALA A 25 -48.12 23.08 39.70
CA ALA A 25 -47.30 23.60 38.60
C ALA A 25 -47.16 25.13 38.57
N LYS A 26 -45.97 25.59 38.15
CA LYS A 26 -45.68 27.01 38.13
C LYS A 26 -45.08 27.46 36.81
N ALA A 27 -45.84 28.26 36.08
CA ALA A 27 -45.40 28.81 34.81
C ALA A 27 -45.18 30.31 35.00
N SER A 28 -43.98 30.69 35.43
CA SER A 28 -43.71 32.07 35.80
C SER A 28 -43.05 32.88 34.68
N GLY A 29 -42.50 32.22 33.67
CA GLY A 29 -41.94 32.96 32.54
C GLY A 29 -42.98 33.46 31.54
N GLU A 30 -42.60 34.45 30.74
CA GLU A 30 -43.46 34.93 29.65
C GLU A 30 -43.64 33.81 28.60
N PHE A 31 -44.88 33.59 28.17
CA PHE A 31 -45.22 32.52 27.21
C PHE A 31 -45.01 31.14 27.79
N SER A 32 -44.66 31.04 29.07
CA SER A 32 -44.34 29.73 29.65
C SER A 32 -45.57 28.87 29.93
N VAL A 33 -45.37 27.56 29.87
CA VAL A 33 -46.40 26.57 30.19
C VAL A 33 -45.80 25.48 31.08
N ALA A 34 -46.50 25.14 32.16
CA ALA A 34 -46.08 24.05 33.04
C ALA A 34 -47.28 23.14 33.31
N VAL A 35 -47.07 21.84 33.14
CA VAL A 35 -48.16 20.88 33.28
C VAL A 35 -47.63 19.73 34.11
N GLY A 36 -48.32 19.44 35.20
CA GLY A 36 -47.93 18.33 36.06
C GLY A 36 -47.54 18.84 37.43
N ASN A 37 -47.72 18.00 38.44
CA ASN A 37 -47.41 18.40 39.81
C ASN A 37 -45.93 18.69 39.95
N GLY A 38 -45.62 19.84 40.54
CA GLY A 38 -44.22 20.23 40.73
C GLY A 38 -43.52 20.74 39.48
N ALA A 39 -44.17 20.66 38.32
CA ALA A 39 -43.53 21.12 37.06
C ALA A 39 -43.28 22.62 37.13
N ARG A 40 -42.19 23.07 36.53
CA ARG A 40 -41.93 24.51 36.52
C ARG A 40 -41.29 24.96 35.21
N ALA A 41 -41.76 26.10 34.71
CA ALA A 41 -41.22 26.71 33.51
C ALA A 41 -41.01 28.17 33.86
N THR A 42 -39.76 28.53 34.09
CA THR A 42 -39.42 29.74 34.84
C THR A 42 -38.78 30.84 34.00
N GLU A 43 -38.57 30.59 32.72
CA GLU A 43 -37.98 31.60 31.86
C GLU A 43 -38.87 31.86 30.67
N LYS A 44 -38.54 32.90 29.93
CA LYS A 44 -39.27 33.25 28.72
C LYS A 44 -39.31 32.11 27.73
N ALA A 45 -40.50 31.84 27.20
CA ALA A 45 -40.72 30.82 26.19
C ALA A 45 -40.30 29.43 26.66
N SER A 46 -40.48 29.15 27.94
CA SER A 46 -40.16 27.83 28.46
C SER A 46 -41.44 26.97 28.56
N THR A 47 -41.28 25.66 28.45
CA THR A 47 -42.39 24.71 28.45
C THR A 47 -41.97 23.47 29.24
N ALA A 48 -42.67 23.17 30.32
CA ALA A 48 -42.35 21.97 31.08
C ALA A 48 -43.58 21.10 31.25
N VAL A 49 -43.49 19.84 30.81
CA VAL A 49 -44.65 18.96 30.79
C VAL A 49 -44.23 17.64 31.40
N GLY A 50 -44.80 17.33 32.55
CA GLY A 50 -44.43 16.15 33.30
C GLY A 50 -44.23 16.52 34.75
N SER A 51 -44.68 15.66 35.66
CA SER A 51 -44.50 15.93 37.09
C SER A 51 -43.01 16.16 37.39
N TRP A 52 -42.73 17.20 38.17
CA TRP A 52 -41.37 17.50 38.60
C TRP A 52 -40.40 17.87 37.47
N ALA A 53 -40.92 18.10 36.25
CA ALA A 53 -40.05 18.57 35.16
C ALA A 53 -39.73 20.05 35.38
N ALA A 54 -38.64 20.50 34.81
CA ALA A 54 -38.25 21.90 34.96
C ALA A 54 -37.63 22.41 33.68
N ALA A 55 -38.16 23.52 33.20
CA ALA A 55 -37.60 24.19 32.06
C ALA A 55 -37.17 25.58 32.53
N ASP A 56 -35.87 25.71 32.80
CA ASP A 56 -35.35 26.92 33.45
C ASP A 56 -34.53 27.77 32.50
N GLY A 57 -34.52 27.40 31.23
CA GLY A 57 -33.87 28.23 30.23
C GLY A 57 -34.85 29.00 29.34
N LYS A 58 -34.37 30.09 28.76
CA LYS A 58 -35.08 30.77 27.71
C LYS A 58 -35.26 29.83 26.52
N GLN A 59 -36.49 29.75 26.02
CA GLN A 59 -36.82 28.86 24.91
C GLN A 59 -36.45 27.41 25.23
N SER A 60 -36.56 27.04 26.51
CA SER A 60 -36.27 25.66 26.91
C SER A 60 -37.55 24.81 26.98
N THR A 61 -37.40 23.51 26.77
CA THR A 61 -38.54 22.60 26.70
C THR A 61 -38.16 21.30 27.40
N ALA A 62 -38.97 20.91 28.37
CA ALA A 62 -38.76 19.66 29.10
C ALA A 62 -40.03 18.82 29.04
N LEU A 63 -39.87 17.57 28.63
CA LEU A 63 -40.99 16.64 28.57
C LEU A 63 -40.65 15.34 29.29
N GLY A 64 -41.49 14.99 30.26
CA GLY A 64 -41.35 13.77 31.02
C GLY A 64 -41.12 14.02 32.50
N VAL A 65 -41.26 12.99 33.31
CA VAL A 65 -41.13 13.13 34.77
C VAL A 65 -39.68 13.39 35.15
N GLY A 66 -39.48 14.43 35.97
CA GLY A 66 -38.14 14.72 36.48
C GLY A 66 -37.16 15.13 35.39
N THR A 67 -37.69 15.59 34.26
CA THR A 67 -36.90 15.99 33.08
C THR A 67 -36.50 17.47 33.19
N TYR A 68 -35.20 17.75 33.07
CA TYR A 68 -34.67 19.09 33.30
C TYR A 68 -34.01 19.66 32.07
N ALA A 69 -34.56 20.78 31.59
CA ALA A 69 -33.96 21.54 30.49
C ALA A 69 -33.51 22.86 31.08
N TYR A 70 -32.29 22.88 31.61
CA TYR A 70 -31.83 24.01 32.42
C TYR A 70 -31.17 25.15 31.61
N ALA A 71 -30.63 24.82 30.45
CA ALA A 71 -29.87 25.80 29.66
C ALA A 71 -30.79 26.58 28.75
N ASN A 72 -30.38 27.79 28.36
CA ASN A 72 -31.09 28.49 27.29
C ASN A 72 -31.15 27.63 26.02
N ALA A 73 -32.29 27.67 25.33
CA ALA A 73 -32.48 26.93 24.08
C ALA A 73 -32.25 25.43 24.22
N SER A 74 -32.40 24.90 25.43
CA SER A 74 -32.26 23.45 25.62
C SER A 74 -33.59 22.72 25.44
N THR A 75 -33.50 21.45 25.04
CA THR A 75 -34.67 20.60 24.83
C THR A 75 -34.33 19.23 25.42
N ALA A 76 -35.14 18.78 26.37
CA ALA A 76 -34.94 17.48 27.02
C ALA A 76 -36.25 16.68 26.93
N LEU A 77 -36.18 15.52 26.29
CA LEU A 77 -37.38 14.74 25.96
C LEU A 77 -37.25 13.31 26.45
N GLY A 78 -38.15 12.90 27.33
CA GLY A 78 -38.07 11.59 27.97
C GLY A 78 -37.80 11.79 29.45
N SER A 79 -38.36 10.91 30.28
CA SER A 79 -38.19 11.02 31.72
C SER A 79 -36.71 11.02 32.13
N VAL A 80 -36.38 11.93 33.05
CA VAL A 80 -35.02 12.07 33.55
C VAL A 80 -34.00 12.52 32.47
N ALA A 81 -34.45 12.88 31.26
CA ALA A 81 -33.49 13.49 30.32
C ALA A 81 -33.00 14.80 30.95
N PHE A 82 -31.79 15.22 30.60
CA PHE A 82 -31.15 16.32 31.31
C PHE A 82 -30.24 17.15 30.40
N VAL A 83 -30.40 18.47 30.44
CA VAL A 83 -29.46 19.39 29.82
C VAL A 83 -28.95 20.37 30.87
N ASP A 84 -27.64 20.31 31.11
CA ASP A 84 -27.00 21.17 32.09
C ASP A 84 -27.25 22.63 31.77
N ASN A 85 -27.38 23.45 32.81
CA ASN A 85 -27.65 24.88 32.59
C ASN A 85 -26.58 25.62 31.76
N THR A 86 -25.35 25.13 31.77
CA THR A 86 -24.30 25.72 30.92
C THR A 86 -24.36 25.23 29.47
N ALA A 87 -25.13 24.18 29.19
CA ALA A 87 -25.11 23.57 27.86
C ALA A 87 -26.13 24.19 26.93
N THR A 88 -25.93 25.48 26.65
CA THR A 88 -26.74 26.22 25.69
C THR A 88 -26.99 25.45 24.40
N TYR A 89 -28.25 25.40 23.95
CA TYR A 89 -28.62 24.66 22.74
C TYR A 89 -28.51 23.15 22.84
N GLY A 90 -28.30 22.61 24.03
CA GLY A 90 -28.27 21.17 24.21
C GLY A 90 -29.61 20.51 23.94
N THR A 91 -29.57 19.34 23.31
CA THR A 91 -30.77 18.58 23.02
C THR A 91 -30.56 17.14 23.50
N ALA A 92 -31.47 16.64 24.30
CA ALA A 92 -31.34 15.28 24.81
C ALA A 92 -32.66 14.59 24.58
N ALA A 93 -32.62 13.43 23.93
CA ALA A 93 -33.83 12.66 23.69
C ALA A 93 -33.67 11.21 24.11
N GLY A 94 -34.56 10.75 24.97
CA GLY A 94 -34.51 9.39 25.49
C GLY A 94 -34.43 9.43 26.99
N ASN A 95 -34.95 8.39 27.65
CA ASN A 95 -34.86 8.28 29.09
C ASN A 95 -33.41 8.44 29.56
N ARG A 96 -33.18 9.39 30.47
CA ARG A 96 -31.83 9.62 31.00
C ARG A 96 -30.80 10.16 30.00
N ALA A 97 -31.21 10.47 28.77
CA ALA A 97 -30.26 11.11 27.84
C ALA A 97 -29.81 12.43 28.46
N LYS A 98 -28.53 12.78 28.30
CA LYS A 98 -27.93 13.91 28.99
C LYS A 98 -26.94 14.70 28.13
N VAL A 99 -27.00 16.02 28.23
CA VAL A 99 -25.97 16.89 27.66
C VAL A 99 -25.36 17.58 28.86
N ASP A 100 -24.08 17.34 29.10
CA ASP A 100 -23.51 17.69 30.40
C ASP A 100 -22.85 19.08 30.40
N LYS A 101 -22.21 19.40 31.51
CA LYS A 101 -21.59 20.71 31.72
C LYS A 101 -20.69 21.10 30.56
N ASP A 102 -20.87 22.33 30.10
CA ASP A 102 -20.04 22.95 29.08
C ASP A 102 -20.19 22.36 27.69
N ALA A 103 -21.06 21.37 27.55
CA ALA A 103 -21.27 20.76 26.25
C ALA A 103 -22.25 21.54 25.41
N THR A 104 -21.93 22.81 25.12
CA THR A 104 -22.81 23.65 24.33
C THR A 104 -23.07 22.99 22.99
N GLU A 105 -24.32 23.09 22.52
CA GLU A 105 -24.74 22.55 21.24
C GLU A 105 -24.57 21.03 21.19
N GLY A 106 -24.51 20.39 22.35
CA GLY A 106 -24.51 18.95 22.43
C GLY A 106 -25.84 18.33 22.04
N THR A 107 -25.80 17.11 21.49
CA THR A 107 -27.04 16.41 21.09
C THR A 107 -26.94 14.94 21.45
N ALA A 108 -27.75 14.52 22.42
CA ALA A 108 -27.74 13.16 22.91
C ALA A 108 -28.99 12.45 22.42
N LEU A 109 -28.82 11.39 21.63
CA LEU A 109 -29.94 10.74 20.97
C LEU A 109 -30.04 9.25 21.32
N GLY A 110 -30.85 8.94 22.31
CA GLY A 110 -31.00 7.57 22.78
C GLY A 110 -31.01 7.55 24.30
N ALA A 111 -31.69 6.56 24.88
CA ALA A 111 -31.70 6.40 26.32
C ALA A 111 -30.29 6.26 26.86
N LYS A 112 -30.02 6.99 27.94
CA LYS A 112 -28.72 6.93 28.62
C LYS A 112 -27.55 7.43 27.75
N ALA A 113 -27.83 8.01 26.58
CA ALA A 113 -26.78 8.66 25.82
C ALA A 113 -26.27 9.91 26.58
N THR A 114 -24.96 10.17 26.48
CA THR A 114 -24.36 11.28 27.22
C THR A 114 -23.43 12.07 26.33
N VAL A 115 -23.67 13.38 26.23
CA VAL A 115 -22.75 14.25 25.52
C VAL A 115 -21.92 15.07 26.51
N THR A 116 -20.59 14.99 26.39
CA THR A 116 -19.70 15.72 27.27
C THR A 116 -18.82 16.68 26.48
N ASN A 117 -19.08 16.80 25.18
CA ASN A 117 -18.27 17.64 24.31
C ASN A 117 -19.12 18.62 23.51
N LYS A 118 -18.56 19.81 23.29
CA LYS A 118 -19.20 20.87 22.51
C LYS A 118 -19.47 20.47 21.08
N ASN A 119 -20.69 20.78 20.62
CA ASN A 119 -21.07 20.60 19.25
C ASN A 119 -20.96 19.14 18.79
N SER A 120 -21.06 18.22 19.73
CA SER A 120 -20.96 16.80 19.39
C SER A 120 -22.27 16.06 19.55
N VAL A 121 -22.31 14.84 19.02
CA VAL A 121 -23.51 14.03 19.05
C VAL A 121 -23.17 12.67 19.64
N ALA A 122 -23.88 12.29 20.70
CA ALA A 122 -23.85 10.90 21.16
C ALA A 122 -25.06 10.20 20.55
N LEU A 123 -24.79 9.34 19.56
CA LEU A 123 -25.83 8.71 18.80
C LEU A 123 -26.03 7.24 19.20
N GLY A 124 -27.21 6.96 19.74
CA GLY A 124 -27.55 5.64 20.19
C GLY A 124 -27.66 5.53 21.70
N ALA A 125 -28.42 4.55 22.15
CA ALA A 125 -28.53 4.23 23.57
C ALA A 125 -27.14 4.05 24.19
N ASN A 126 -26.93 4.58 25.38
CA ASN A 126 -25.65 4.43 26.08
C ASN A 126 -24.45 5.11 25.44
N SER A 127 -24.66 5.81 24.33
CA SER A 127 -23.55 6.41 23.62
C SER A 127 -22.91 7.52 24.43
N VAL A 128 -21.69 7.86 24.03
CA VAL A 128 -20.90 8.90 24.68
C VAL A 128 -20.31 9.78 23.59
N THR A 129 -19.59 10.84 23.99
CA THR A 129 -18.75 11.56 23.03
C THR A 129 -17.33 11.62 23.61
N THR A 130 -16.33 11.79 22.75
CA THR A 130 -14.95 11.81 23.22
C THR A 130 -14.20 13.04 22.74
N ARG A 131 -14.71 13.70 21.68
CA ARG A 131 -14.06 14.89 21.14
C ARG A 131 -15.11 15.93 20.79
N ASP A 132 -14.69 17.19 20.66
CA ASP A 132 -15.59 18.24 20.20
C ASP A 132 -15.81 18.06 18.69
N ASN A 133 -16.91 18.57 18.15
CA ASN A 133 -17.15 18.43 16.72
C ASN A 133 -17.02 16.98 16.28
N GLU A 134 -17.78 16.11 16.94
CA GLU A 134 -17.70 14.66 16.73
C GLU A 134 -19.11 14.07 16.72
N VAL A 135 -19.31 13.08 15.87
CA VAL A 135 -20.47 12.20 16.03
C VAL A 135 -19.91 10.87 16.50
N TYR A 136 -20.45 10.36 17.61
CA TYR A 136 -19.90 9.17 18.22
C TYR A 136 -20.99 8.11 18.39
N ILE A 137 -20.73 6.91 17.87
CA ILE A 137 -21.71 5.85 17.91
C ILE A 137 -21.27 4.67 18.80
N GLY A 138 -20.12 4.83 19.45
CA GLY A 138 -19.69 3.90 20.47
C GLY A 138 -20.42 4.20 21.78
N TYR A 139 -20.37 3.28 22.74
CA TYR A 139 -21.32 3.32 23.86
C TYR A 139 -20.75 2.69 25.12
N LYS A 140 -21.22 3.15 26.28
CA LYS A 140 -20.84 2.55 27.56
C LYS A 140 -21.40 1.15 27.63
N THR A 141 -20.51 0.18 27.79
CA THR A 141 -20.91 -1.21 27.88
C THR A 141 -21.45 -1.46 29.28
N GLY A 142 -22.24 -2.51 29.42
CA GLY A 142 -22.92 -2.77 30.68
C GLY A 142 -22.35 -3.93 31.45
N THR A 143 -23.25 -4.81 31.89
CA THR A 143 -22.90 -5.95 32.71
C THR A 143 -22.44 -7.15 31.88
N GLU A 144 -21.23 -7.07 31.31
CA GLU A 144 -20.68 -8.21 30.58
C GLU A 144 -19.43 -7.91 29.72
N SER A 145 -18.88 -6.70 29.82
CA SER A 145 -17.67 -6.39 29.07
C SER A 145 -16.54 -5.86 29.96
N ASP A 146 -15.31 -6.31 29.68
CA ASP A 146 -14.13 -5.79 30.36
C ASP A 146 -13.73 -4.47 29.71
N LYS A 147 -14.27 -4.21 28.53
CA LYS A 147 -14.03 -2.98 27.79
C LYS A 147 -14.90 -1.85 28.35
N THR A 148 -14.39 -0.63 28.30
CA THR A 148 -15.15 0.51 28.77
C THR A 148 -16.21 0.88 27.75
N TYR A 149 -15.82 0.92 26.48
CA TYR A 149 -16.73 1.31 25.41
C TYR A 149 -16.85 0.20 24.37
N GLY A 150 -18.07 -0.04 23.89
CA GLY A 150 -18.27 -0.95 22.78
C GLY A 150 -18.39 -0.11 21.53
N THR A 151 -18.37 -0.77 20.38
CA THR A 151 -18.46 -0.06 19.11
C THR A 151 -19.69 -0.55 18.38
N ARG A 152 -20.14 0.22 17.38
CA ARG A 152 -21.27 -0.18 16.56
C ARG A 152 -20.85 -0.25 15.09
N VAL A 153 -21.33 -1.26 14.38
CA VAL A 153 -21.12 -1.33 12.94
C VAL A 153 -22.05 -0.29 12.31
N LEU A 154 -21.59 0.35 11.23
CA LEU A 154 -22.37 1.39 10.56
C LEU A 154 -22.73 0.93 9.15
N GLY A 155 -24.03 0.74 8.89
CA GLY A 155 -24.44 0.15 7.62
C GLY A 155 -25.40 1.03 6.82
N GLY A 156 -25.62 0.66 5.56
CA GLY A 156 -26.65 1.26 4.74
C GLY A 156 -26.15 2.43 3.92
N LEU A 157 -24.84 2.50 3.73
CA LEU A 157 -24.18 3.60 3.02
C LEU A 157 -24.16 3.43 1.50
N SER A 158 -24.46 4.53 0.81
CA SER A 158 -24.05 4.72 -0.58
C SER A 158 -22.55 5.05 -0.61
N ASP A 159 -21.88 4.68 -1.71
CA ASP A 159 -20.46 4.99 -1.87
C ASP A 159 -20.26 6.50 -1.77
N GLY A 160 -19.26 6.94 -1.02
CA GLY A 160 -18.97 8.36 -0.92
C GLY A 160 -18.40 8.86 -2.25
N THR A 161 -18.67 10.12 -2.60
CA THR A 161 -18.12 10.75 -3.80
C THR A 161 -17.16 11.89 -3.47
N ARG A 162 -17.44 12.63 -2.40
CA ARG A 162 -16.61 13.76 -2.02
C ARG A 162 -15.52 13.33 -1.05
N ASN A 163 -14.45 14.12 -0.95
CA ASN A 163 -13.35 13.83 -0.04
C ASN A 163 -13.80 13.70 1.42
N SER A 164 -14.84 14.43 1.81
CA SER A 164 -15.33 14.37 3.18
C SER A 164 -16.52 13.40 3.34
N ASP A 165 -16.86 12.67 2.29
CA ASP A 165 -17.86 11.61 2.42
C ASP A 165 -17.21 10.38 3.06
N ALA A 166 -18.01 9.56 3.73
CA ALA A 166 -17.54 8.29 4.29
C ALA A 166 -17.25 7.31 3.17
N ALA A 167 -16.14 6.58 3.29
CA ALA A 167 -15.86 5.51 2.34
C ALA A 167 -16.48 4.20 2.84
N THR A 168 -17.05 3.44 1.92
CA THR A 168 -17.65 2.16 2.25
C THR A 168 -16.59 1.05 2.13
N VAL A 169 -16.86 -0.10 2.72
CA VAL A 169 -16.01 -1.28 2.53
C VAL A 169 -15.94 -1.67 1.06
N GLY A 170 -17.05 -1.56 0.34
CA GLY A 170 -17.06 -1.86 -1.09
C GLY A 170 -16.07 -1.01 -1.85
N GLN A 171 -16.08 0.29 -1.60
CA GLN A 171 -15.15 1.23 -2.22
C GLN A 171 -13.70 0.95 -1.87
N LEU A 172 -13.45 0.73 -0.58
CA LEU A 172 -12.13 0.41 -0.11
C LEU A 172 -11.60 -0.82 -0.86
N ASN A 173 -12.40 -1.88 -0.93
CA ASN A 173 -11.97 -3.10 -1.63
C ASN A 173 -11.71 -2.88 -3.10
N ARG A 174 -12.62 -2.17 -3.77
CA ARG A 174 -12.47 -1.94 -5.21
C ARG A 174 -11.28 -1.04 -5.52
N LYS A 175 -11.08 -0.01 -4.70
CA LYS A 175 -9.96 0.90 -4.88
C LYS A 175 -8.63 0.17 -4.66
N VAL A 176 -8.56 -0.60 -3.59
CA VAL A 176 -7.35 -1.35 -3.25
C VAL A 176 -7.09 -2.51 -4.22
N GLY A 177 -8.16 -3.18 -4.65
CA GLY A 177 -8.06 -4.26 -5.62
C GLY A 177 -7.58 -3.79 -6.99
N GLY A 178 -8.09 -2.64 -7.43
CA GLY A 178 -7.72 -2.07 -8.72
C GLY A 178 -6.25 -1.70 -8.77
N VAL A 179 -5.77 -1.09 -7.70
CA VAL A 179 -4.37 -0.69 -7.61
C VAL A 179 -3.48 -1.93 -7.55
N TYR A 180 -3.96 -2.94 -6.83
CA TYR A 180 -3.25 -4.21 -6.68
C TYR A 180 -3.07 -4.91 -8.03
N ASP A 181 -4.12 -4.92 -8.85
CA ASP A 181 -4.05 -5.52 -10.18
C ASP A 181 -3.15 -4.70 -11.09
N ASP A 182 -3.21 -3.38 -10.96
CA ASP A 182 -2.39 -2.48 -11.75
C ASP A 182 -0.91 -2.69 -11.43
N VAL A 183 -0.62 -2.95 -10.16
CA VAL A 183 0.75 -3.19 -9.73
C VAL A 183 1.25 -4.55 -10.21
N LYS A 184 0.40 -5.56 -10.11
CA LYS A 184 0.69 -6.86 -10.70
C LYS A 184 1.10 -6.67 -12.16
N ALA A 185 0.24 -5.97 -12.89
CA ALA A 185 0.45 -5.76 -14.33
C ALA A 185 1.77 -5.05 -14.63
N ARG A 186 2.09 -4.04 -13.84
CA ARG A 186 3.33 -3.28 -14.05
C ARG A 186 4.58 -4.14 -13.79
N ILE A 187 4.52 -4.97 -12.75
CA ILE A 187 5.62 -5.86 -12.41
C ILE A 187 5.86 -6.88 -13.53
N THR A 188 4.78 -7.30 -14.18
CA THR A 188 4.86 -8.22 -15.31
C THR A 188 5.60 -7.55 -16.46
N VAL A 189 5.11 -6.39 -16.87
CA VAL A 189 5.75 -5.63 -17.94
C VAL A 189 7.25 -5.42 -17.70
N GLU A 190 7.60 -5.11 -16.45
CA GLU A 190 8.99 -4.83 -16.12
C GLU A 190 9.88 -6.06 -16.12
N SER A 191 9.33 -7.20 -15.70
CA SER A 191 10.09 -8.45 -15.71
C SER A 191 10.35 -8.89 -17.14
N GLU A 192 9.35 -8.70 -18.01
CA GLU A 192 9.49 -9.02 -19.42
C GLU A 192 10.53 -8.12 -20.08
N LYS A 193 10.55 -6.85 -19.66
CA LYS A 193 11.56 -5.91 -20.15
C LYS A 193 12.97 -6.34 -19.76
N GLN A 194 13.12 -6.88 -18.56
CA GLN A 194 14.41 -7.32 -18.06
C GLN A 194 14.87 -8.61 -18.74
N LYS A 195 13.91 -9.50 -19.04
CA LYS A 195 14.21 -10.69 -19.82
C LYS A 195 14.70 -10.29 -21.22
N LYS A 196 13.90 -9.48 -21.91
CA LYS A 196 14.26 -9.01 -23.23
C LYS A 196 15.62 -8.33 -23.22
N TYR A 197 15.86 -7.53 -22.18
CA TYR A 197 17.13 -6.80 -22.08
C TYR A 197 18.31 -7.75 -21.96
N THR A 198 18.24 -8.69 -21.03
CA THR A 198 19.35 -9.61 -20.81
C THR A 198 19.61 -10.48 -22.04
N ASP A 199 18.53 -10.87 -22.73
CA ASP A 199 18.68 -11.65 -23.95
C ASP A 199 19.46 -10.87 -25.00
N GLN A 200 19.10 -9.60 -25.19
CA GLN A 200 19.76 -8.77 -26.20
C GLN A 200 21.21 -8.44 -25.80
N LYS A 201 21.44 -8.20 -24.51
CA LYS A 201 22.78 -7.90 -24.04
C LYS A 201 23.66 -9.15 -24.03
N THR A 202 23.08 -10.26 -23.61
CA THR A 202 23.77 -11.54 -23.60
C THR A 202 24.03 -12.01 -25.03
N SER A 203 23.12 -11.68 -25.93
CA SER A 203 23.24 -12.03 -27.34
C SER A 203 24.39 -11.28 -28.00
N GLU A 204 24.53 -10.00 -27.64
CA GLU A 204 25.62 -9.19 -28.19
C GLU A 204 26.97 -9.85 -27.97
N VAL A 205 27.19 -10.32 -26.74
CA VAL A 205 28.44 -10.98 -26.40
C VAL A 205 28.56 -12.33 -27.10
N ASN A 206 27.43 -13.00 -27.29
CA ASN A 206 27.44 -14.29 -27.99
C ASN A 206 27.78 -14.11 -29.47
N GLU A 207 27.33 -12.99 -30.04
CA GLU A 207 27.65 -12.65 -31.42
C GLU A 207 29.16 -12.48 -31.59
N LYS A 208 29.77 -11.80 -30.62
CA LYS A 208 31.21 -11.55 -30.64
C LYS A 208 31.98 -12.86 -30.49
N VAL A 209 31.53 -13.71 -29.56
CA VAL A 209 32.16 -15.01 -29.34
C VAL A 209 32.12 -15.83 -30.62
N GLU A 210 30.93 -15.92 -31.22
CA GLU A 210 30.74 -16.72 -32.43
C GLU A 210 31.56 -16.19 -33.61
N ALA A 211 31.66 -14.87 -33.72
CA ALA A 211 32.42 -14.27 -34.81
C ALA A 211 33.93 -14.53 -34.73
N ARG A 212 34.44 -14.74 -33.51
CA ARG A 212 35.89 -14.79 -33.32
C ARG A 212 36.45 -16.16 -33.00
N THR A 213 35.58 -17.14 -32.71
CA THR A 213 36.05 -18.42 -32.18
C THR A 213 35.84 -19.61 -33.10
N THR A 214 35.46 -19.38 -34.36
CA THR A 214 35.35 -20.47 -35.33
C THR A 214 36.10 -20.21 -36.63
N VAL A 215 36.54 -21.28 -37.27
CA VAL A 215 37.12 -21.21 -38.60
C VAL A 215 36.48 -22.27 -39.48
N GLY A 216 36.27 -21.95 -40.75
CA GLY A 216 35.80 -22.93 -41.70
C GLY A 216 36.92 -23.90 -42.07
N VAL A 217 36.54 -25.13 -42.44
CA VAL A 217 37.49 -26.12 -42.91
C VAL A 217 37.15 -26.53 -44.35
N ASP A 218 38.17 -26.53 -45.20
CA ASP A 218 38.02 -26.78 -46.63
C ASP A 218 37.78 -28.24 -46.96
N SER A 219 37.51 -28.49 -48.24
CA SER A 219 37.40 -29.84 -48.76
C SER A 219 38.70 -30.59 -48.48
N ASP A 220 39.82 -29.92 -48.71
CA ASP A 220 41.14 -30.51 -48.53
C ASP A 220 41.77 -30.15 -47.18
N GLY A 221 40.96 -29.64 -46.25
CA GLY A 221 41.41 -29.37 -44.90
C GLY A 221 41.95 -27.97 -44.66
N LYS A 222 42.02 -27.19 -45.73
CA LYS A 222 42.50 -25.81 -45.67
C LYS A 222 41.59 -24.95 -44.77
N LEU A 223 42.19 -24.21 -43.84
CA LEU A 223 41.41 -23.33 -42.98
C LEU A 223 40.99 -22.08 -43.76
N THR A 224 39.73 -21.67 -43.59
CA THR A 224 39.21 -20.48 -44.25
C THR A 224 38.37 -19.66 -43.28
N ARG A 225 37.90 -18.50 -43.73
CA ARG A 225 36.98 -17.71 -42.92
C ARG A 225 35.69 -18.50 -42.76
N ALA A 226 35.15 -18.50 -41.54
CA ALA A 226 33.98 -19.30 -41.22
C ALA A 226 32.78 -18.93 -42.07
N GLU A 227 32.74 -17.67 -42.50
CA GLU A 227 31.63 -17.15 -43.31
C GLU A 227 31.24 -18.11 -44.45
N GLY A 228 30.04 -18.66 -44.37
CA GLY A 228 29.52 -19.53 -45.41
C GLY A 228 30.44 -20.67 -45.78
N ALA A 229 30.87 -21.44 -44.78
CA ALA A 229 31.71 -22.60 -45.03
C ALA A 229 30.96 -23.89 -44.70
N THR A 230 31.28 -24.95 -45.43
CA THR A 230 30.65 -26.26 -45.20
C THR A 230 30.92 -26.72 -43.76
N LYS A 231 32.17 -27.09 -43.51
CA LYS A 231 32.60 -27.55 -42.20
C LYS A 231 33.07 -26.36 -41.35
N THR A 232 32.88 -26.47 -40.04
CA THR A 232 33.30 -25.44 -39.10
C THR A 232 33.91 -26.10 -37.85
N ILE A 233 34.99 -25.51 -37.35
CA ILE A 233 35.60 -25.98 -36.12
C ILE A 233 35.94 -24.79 -35.22
N ALA A 234 36.18 -25.07 -33.95
CA ALA A 234 36.52 -24.04 -32.98
C ALA A 234 38.01 -23.69 -33.08
N VAL A 235 38.33 -22.41 -32.88
CA VAL A 235 39.70 -21.93 -32.98
C VAL A 235 40.69 -22.72 -32.11
N ASN A 236 40.27 -23.16 -30.93
CA ASN A 236 41.19 -23.90 -30.09
C ASN A 236 41.52 -25.26 -30.67
N ASP A 237 40.51 -25.93 -31.24
CA ASP A 237 40.75 -27.18 -31.95
C ASP A 237 41.65 -26.97 -33.17
N GLY A 238 41.37 -25.91 -33.92
CA GLY A 238 42.18 -25.58 -35.08
C GLY A 238 43.63 -25.30 -34.70
N LEU A 239 43.82 -24.62 -33.58
CA LEU A 239 45.16 -24.32 -33.08
C LEU A 239 45.91 -25.59 -32.70
N VAL A 240 45.23 -26.48 -31.98
CA VAL A 240 45.84 -27.76 -31.59
C VAL A 240 46.29 -28.55 -32.82
N ALA A 241 45.42 -28.64 -33.82
CA ALA A 241 45.72 -29.35 -35.05
C ALA A 241 46.87 -28.70 -35.83
N LEU A 242 46.89 -27.37 -35.86
CA LEU A 242 47.91 -26.67 -36.62
C LEU A 242 49.27 -26.82 -35.94
N SER A 243 49.27 -26.79 -34.60
CA SER A 243 50.47 -27.01 -33.83
C SER A 243 51.05 -28.41 -34.10
N GLY A 244 50.18 -29.41 -34.26
CA GLY A 244 50.62 -30.75 -34.62
C GLY A 244 51.32 -30.80 -35.98
N ARG A 245 50.75 -30.11 -36.97
CA ARG A 245 51.41 -30.00 -38.28
C ARG A 245 52.78 -29.36 -38.13
N THR A 246 52.86 -28.37 -37.26
CA THR A 246 54.10 -27.64 -37.09
C THR A 246 55.16 -28.55 -36.47
N ASP A 247 54.74 -29.38 -35.51
CA ASP A 247 55.59 -30.41 -34.92
C ASP A 247 56.23 -31.29 -35.99
N ARG A 248 55.39 -31.80 -36.90
CA ARG A 248 55.87 -32.63 -38.01
C ARG A 248 56.90 -31.89 -38.88
N ILE A 249 56.58 -30.66 -39.22
CA ILE A 249 57.45 -29.84 -40.07
C ILE A 249 58.77 -29.57 -39.35
N ASP A 250 58.66 -29.24 -38.07
CA ASP A 250 59.80 -28.98 -37.21
C ASP A 250 60.74 -30.20 -37.19
N TYR A 251 60.19 -31.39 -36.99
CA TYR A 251 61.02 -32.58 -37.08
C TYR A 251 61.72 -32.66 -38.46
N ALA A 252 60.93 -32.55 -39.53
CA ALA A 252 61.46 -32.71 -40.88
C ALA A 252 62.56 -31.72 -41.22
N VAL A 253 62.39 -30.47 -40.81
CA VAL A 253 63.38 -29.45 -41.11
C VAL A 253 64.73 -29.79 -40.46
N GLY A 254 64.69 -30.23 -39.20
CA GLY A 254 65.87 -30.69 -38.51
C GLY A 254 66.51 -31.89 -39.20
N ALA A 255 65.69 -32.83 -39.66
CA ALA A 255 66.21 -34.04 -40.32
C ALA A 255 66.84 -33.66 -41.68
N ILE A 256 66.16 -32.80 -42.42
CA ILE A 256 66.68 -32.36 -43.70
C ILE A 256 67.99 -31.56 -43.52
N ASP A 257 68.01 -30.66 -42.54
CA ASP A 257 69.25 -29.95 -42.20
C ASP A 257 70.45 -30.90 -42.02
N GLY A 258 70.25 -32.00 -41.31
CA GLY A 258 71.35 -32.93 -41.11
C GLY A 258 71.85 -33.52 -42.42
N ARG A 259 70.90 -33.88 -43.28
CA ARG A 259 71.22 -34.43 -44.60
C ARG A 259 71.98 -33.44 -45.48
N VAL A 260 71.55 -32.18 -45.45
CA VAL A 260 72.16 -31.17 -46.29
C VAL A 260 73.60 -30.92 -45.81
N THR A 261 73.78 -30.88 -44.50
CA THR A 261 75.13 -30.74 -43.95
C THR A 261 76.04 -31.87 -44.43
N ARG A 262 75.55 -33.10 -44.37
CA ARG A 262 76.34 -34.25 -44.77
C ARG A 262 76.63 -34.24 -46.28
N ASN A 263 75.65 -33.80 -47.07
CA ASN A 263 75.84 -33.67 -48.51
C ASN A 263 76.97 -32.68 -48.78
N THR A 264 76.90 -31.51 -48.15
CA THR A 264 77.95 -30.49 -48.33
C THR A 264 79.33 -31.06 -48.05
N GLN A 265 79.47 -31.74 -46.91
CA GLN A 265 80.75 -32.31 -46.54
C GLN A 265 81.22 -33.33 -47.58
N SER A 266 80.30 -34.14 -48.10
CA SER A 266 80.68 -35.14 -49.10
C SER A 266 81.09 -34.48 -50.42
N ILE A 267 80.37 -33.42 -50.80
CA ILE A 267 80.70 -32.71 -52.03
C ILE A 267 82.12 -32.16 -51.96
N GLU A 268 82.46 -31.52 -50.84
CA GLU A 268 83.76 -30.90 -50.72
C GLU A 268 84.88 -31.95 -50.70
N LYS A 269 84.59 -33.08 -50.05
CA LYS A 269 85.47 -34.25 -50.10
C LYS A 269 85.64 -34.78 -51.54
N ASN A 270 84.53 -34.90 -52.29
CA ASN A 270 84.65 -35.28 -53.71
C ASN A 270 85.51 -34.29 -54.52
N SER A 271 85.29 -32.99 -54.30
CA SER A 271 86.06 -31.97 -55.01
C SER A 271 87.56 -32.13 -54.80
N LYS A 272 87.94 -32.34 -53.54
CA LYS A 272 89.30 -32.58 -53.14
C LYS A 272 89.88 -33.81 -53.86
N ALA A 273 89.11 -34.90 -53.90
CA ALA A 273 89.54 -36.12 -54.58
C ALA A 273 89.66 -35.92 -56.09
N ILE A 274 88.69 -35.24 -56.68
CA ILE A 274 88.75 -34.92 -58.11
C ILE A 274 90.03 -34.12 -58.37
N ALA A 275 90.28 -33.11 -57.54
CA ALA A 275 91.48 -32.30 -57.70
C ALA A 275 92.74 -33.16 -57.56
N ALA A 276 92.73 -34.09 -56.61
CA ALA A 276 93.89 -34.98 -56.44
C ALA A 276 94.10 -35.87 -57.66
N ASN A 277 93.01 -36.45 -58.16
CA ASN A 277 93.06 -37.16 -59.44
C ASN A 277 93.64 -36.25 -60.52
N THR A 278 93.09 -35.04 -60.64
CA THR A 278 93.56 -34.09 -61.64
C THR A 278 95.05 -33.88 -61.44
N ARG A 279 95.44 -33.56 -60.20
CA ARG A 279 96.83 -33.71 -59.76
C ARG A 279 97.27 -33.15 -58.38
N THR A 280 96.51 -32.25 -57.75
CA THR A 280 97.03 -31.45 -56.62
C THR A 280 98.52 -31.69 -56.36
CL CL B . 87.97 -37.80 -60.98
CL CL C . 79.89 -34.46 -55.75
CL CL D . 71.69 -31.08 -50.44
CL CL E . 53.49 -23.55 -38.66
#